data_6AHT
#
_entry.id   6AHT
#
_cell.length_a   47.242
_cell.length_b   73.442
_cell.length_c   73.729
_cell.angle_alpha   90.000
_cell.angle_beta   90.000
_cell.angle_gamma   90.000
#
_symmetry.space_group_name_H-M   'P 21 21 21'
#
loop_
_entity.id
_entity.type
_entity.pdbx_description
1 polymer 'Conserved hypothetical plasmid protein'
2 polymer 'Conserved hypothetical plasmid protein'
3 water water
#
loop_
_entity_poly.entity_id
_entity_poly.type
_entity_poly.pdbx_seq_one_letter_code
_entity_poly.pdbx_strand_id
1 'polypeptide(L)'
;LSNIS(MSE)SSSEIIDVLCENLNDGIWALRVLYAEGA(MSE)NKEKLWDYINQYHKDYQIENEKDYEGKKILPSRYALD
I(MSE)TARLEGAGLISFKAIGRVRIYDVTDLGNVLIKELEKR
;
A
2 'polypeptide(L)'
;IS(MSE)SSSEIIDVLCENLNDGIWALRVLYAEGA(MSE)NKEKLWDYINQYHKDYQIENEKDYEGKKILPSRYALDI
(MSE)TARLEGAGLISFKAIGRVRIYDVTDLGNVLIKELEKRVEKNN
;
B
#
# COMPACT_ATOMS: atom_id res chain seq x y z
N LEU A 1 -16.04 -0.56 -23.79
CA LEU A 1 -14.92 -0.81 -24.75
C LEU A 1 -13.96 -1.85 -24.22
N SER A 2 -13.51 -1.71 -22.98
CA SER A 2 -12.60 -2.70 -22.35
C SER A 2 -12.93 -2.87 -20.90
N ASN A 3 -13.19 -4.10 -20.51
CA ASN A 3 -13.49 -4.38 -19.11
C ASN A 3 -12.20 -4.35 -18.28
N ILE A 4 -12.35 -4.28 -16.96
CA ILE A 4 -11.18 -4.34 -16.10
C ILE A 4 -10.74 -5.77 -16.32
N SER A 5 -9.46 -5.93 -16.65
CA SER A 5 -8.93 -7.22 -17.01
C SER A 5 -8.61 -8.25 -15.94
N MSE A 6 -9.06 -8.02 -14.71
CA MSE A 6 -8.86 -8.97 -13.63
C MSE A 6 -10.16 -9.05 -12.85
O MSE A 6 -10.80 -8.03 -12.66
CB MSE A 6 -7.70 -8.53 -12.72
CG MSE A 6 -6.37 -8.43 -13.46
SE MSE A 6 -4.94 -7.76 -12.26
CE MSE A 6 -4.82 -9.30 -11.01
N SER A 7 -10.54 -10.24 -12.42
CA SER A 7 -11.80 -10.45 -11.69
C SER A 7 -11.70 -9.94 -10.26
N SER A 8 -12.85 -9.81 -9.59
CA SER A 8 -12.82 -9.34 -8.22
C SER A 8 -12.01 -10.29 -7.35
N SER A 9 -12.17 -11.59 -7.52
CA SER A 9 -11.39 -12.47 -6.67
C SER A 9 -9.88 -12.49 -7.03
N GLU A 10 -9.54 -12.27 -8.30
CA GLU A 10 -8.14 -12.23 -8.71
C GLU A 10 -7.51 -11.00 -8.06
N ILE A 11 -8.25 -9.90 -7.99
CA ILE A 11 -7.70 -8.66 -7.40
C ILE A 11 -7.56 -8.84 -5.90
N ILE A 12 -8.60 -9.41 -5.29
CA ILE A 12 -8.58 -9.67 -3.86
C ILE A 12 -7.39 -10.58 -3.56
N ASP A 13 -7.12 -11.57 -4.41
CA ASP A 13 -5.97 -12.44 -4.17
C ASP A 13 -4.67 -11.65 -4.16
N VAL A 14 -4.53 -10.69 -5.07
CA VAL A 14 -3.27 -9.90 -5.07
C VAL A 14 -3.13 -9.11 -3.76
N LEU A 15 -4.23 -8.51 -3.30
CA LEU A 15 -4.22 -7.75 -2.06
C LEU A 15 -3.93 -8.69 -0.87
N CYS A 16 -4.53 -9.87 -0.85
CA CYS A 16 -4.21 -10.84 0.21
C CYS A 16 -2.74 -11.23 0.19
N GLU A 17 -2.17 -11.47 -1.00
CA GLU A 17 -0.76 -11.85 -1.08
C GLU A 17 0.24 -10.78 -0.65
N ASN A 18 -0.14 -9.50 -0.73
CA ASN A 18 0.80 -8.47 -0.30
C ASN A 18 0.46 -7.86 1.05
N LEU A 19 -0.53 -8.43 1.74
CA LEU A 19 -0.94 -7.91 3.05
C LEU A 19 0.19 -8.08 4.05
N ASN A 20 0.84 -9.25 4.00
CA ASN A 20 1.96 -9.54 4.88
C ASN A 20 1.65 -9.18 6.34
N ASP A 21 2.58 -8.53 7.03
CA ASP A 21 2.35 -8.20 8.43
C ASP A 21 1.21 -7.21 8.73
N GLY A 22 0.71 -6.52 7.72
CA GLY A 22 -0.37 -5.56 7.94
C GLY A 22 -1.59 -6.26 8.56
N ILE A 23 -1.62 -7.57 8.46
CA ILE A 23 -2.73 -8.29 9.04
C ILE A 23 -2.87 -7.96 10.54
N TRP A 24 -1.77 -7.61 11.20
CA TRP A 24 -1.87 -7.26 12.63
C TRP A 24 -2.69 -6.00 12.88
N ALA A 25 -2.55 -4.99 12.03
CA ALA A 25 -3.34 -3.78 12.19
C ALA A 25 -4.79 -4.12 11.94
N LEU A 26 -5.04 -4.99 10.96
CA LEU A 26 -6.41 -5.35 10.71
C LEU A 26 -7.05 -6.09 11.91
N ARG A 27 -6.32 -7.04 12.50
CA ARG A 27 -6.85 -7.80 13.64
C ARG A 27 -7.17 -6.86 14.80
N VAL A 28 -6.25 -5.92 15.06
CA VAL A 28 -6.46 -4.96 16.14
C VAL A 28 -7.73 -4.13 15.91
N LEU A 29 -7.78 -3.46 14.75
CA LEU A 29 -8.94 -2.61 14.43
C LEU A 29 -10.22 -3.44 14.40
N TYR A 30 -10.18 -4.65 13.86
CA TYR A 30 -11.39 -5.47 13.81
C TYR A 30 -11.87 -5.84 15.23
N ALA A 31 -10.95 -6.21 16.12
CA ALA A 31 -11.32 -6.59 17.49
C ALA A 31 -11.57 -5.42 18.44
N GLU A 32 -10.74 -4.38 18.35
CA GLU A 32 -10.89 -3.24 19.25
C GLU A 32 -11.70 -2.09 18.70
N GLY A 33 -11.95 -2.05 17.39
CA GLY A 33 -12.69 -0.92 16.85
C GLY A 33 -11.73 0.21 16.46
N ALA A 34 -12.29 1.32 16.03
CA ALA A 34 -11.50 2.47 15.59
C ALA A 34 -10.56 2.95 16.67
N MSE A 35 -9.38 3.38 16.26
CA MSE A 35 -8.39 3.79 17.22
C MSE A 35 -7.39 4.82 16.64
O MSE A 35 -7.15 4.86 15.43
CB MSE A 35 -7.64 2.52 17.59
CG MSE A 35 -6.66 2.63 18.67
SE MSE A 35 -5.86 0.82 18.81
CE MSE A 35 -7.49 -0.17 19.16
N ASN A 36 -6.84 5.62 17.53
CA ASN A 36 -5.83 6.65 17.28
C ASN A 36 -4.60 5.87 16.72
N LYS A 37 -3.91 6.42 15.73
CA LYS A 37 -2.72 5.78 15.15
C LYS A 37 -1.67 5.45 16.23
N GLU A 38 -1.56 6.32 17.23
CA GLU A 38 -0.55 6.13 18.28
C GLU A 38 -0.85 4.91 19.12
N LYS A 39 -2.11 4.73 19.44
CA LYS A 39 -2.53 3.59 20.23
C LYS A 39 -2.49 2.33 19.33
N LEU A 40 -2.86 2.49 18.05
CA LEU A 40 -2.81 1.36 17.13
C LEU A 40 -1.37 0.86 17.08
N TRP A 41 -0.39 1.76 17.06
CA TRP A 41 1.05 1.40 17.07
C TRP A 41 1.30 0.44 18.26
N ASP A 42 0.90 0.84 19.46
CA ASP A 42 1.10 0.01 20.65
C ASP A 42 0.37 -1.32 20.59
N TYR A 43 -0.89 -1.31 20.19
CA TYR A 43 -1.68 -2.53 20.12
C TYR A 43 -1.15 -3.53 19.11
N ILE A 44 -0.65 -3.02 17.98
CA ILE A 44 -0.08 -3.92 16.97
C ILE A 44 1.12 -4.59 17.59
N ASN A 45 1.97 -3.83 18.29
CA ASN A 45 3.11 -4.48 18.92
C ASN A 45 2.68 -5.52 19.98
N GLN A 46 1.62 -5.21 20.72
CA GLN A 46 1.16 -6.12 21.77
C GLN A 46 0.49 -7.38 21.20
N TYR A 47 -0.36 -7.22 20.19
CA TYR A 47 -1.02 -8.36 19.55
C TYR A 47 0.01 -9.33 18.96
N HIS A 48 0.96 -8.77 18.22
CA HIS A 48 1.96 -9.60 17.59
C HIS A 48 2.77 -10.29 18.64
N LYS A 49 3.21 -9.54 19.65
CA LYS A 49 3.99 -10.08 20.74
C LYS A 49 3.29 -11.26 21.43
N ASP A 50 2.01 -11.07 21.77
CA ASP A 50 1.28 -12.13 22.44
C ASP A 50 1.09 -13.35 21.58
N TYR A 51 0.90 -13.15 20.28
CA TYR A 51 0.71 -14.29 19.39
C TYR A 51 2.01 -15.10 19.32
N GLN A 52 3.16 -14.44 19.35
CA GLN A 52 4.43 -15.16 19.33
C GLN A 52 4.56 -15.95 20.63
N ILE A 53 4.14 -15.33 21.73
CA ILE A 53 4.25 -15.97 23.05
C ILE A 53 3.34 -17.19 23.17
N GLU A 54 2.22 -17.18 22.47
CA GLU A 54 1.31 -18.32 22.50
C GLU A 54 2.00 -19.58 21.98
N ASN A 55 2.96 -19.39 21.08
CA ASN A 55 3.69 -20.52 20.47
C ASN A 55 5.01 -20.81 21.16
N GLU A 56 5.68 -19.76 21.64
CA GLU A 56 6.95 -19.91 22.33
C GLU A 56 6.80 -19.21 23.63
N LYS A 57 6.44 -19.96 24.67
CA LYS A 57 6.21 -19.29 25.93
C LYS A 57 7.44 -18.51 26.44
N ASP A 58 8.65 -18.86 26.01
CA ASP A 58 9.80 -18.04 26.47
C ASP A 58 10.30 -17.09 25.39
N TYR A 59 9.42 -16.77 24.47
CA TYR A 59 9.72 -15.85 23.38
C TYR A 59 10.12 -14.50 23.94
N GLU A 60 11.06 -13.84 23.29
CA GLU A 60 11.47 -12.51 23.70
C GLU A 60 12.02 -11.77 22.51
N GLY A 61 11.21 -11.56 21.47
CA GLY A 61 11.72 -10.87 20.29
C GLY A 61 11.48 -9.37 20.18
N LYS A 62 12.02 -8.78 19.13
CA LYS A 62 11.88 -7.35 18.90
C LYS A 62 10.46 -6.98 18.46
N LYS A 63 10.08 -5.73 18.68
CA LYS A 63 8.76 -5.23 18.30
C LYS A 63 8.65 -5.26 16.79
N ILE A 64 7.50 -5.68 16.29
CA ILE A 64 7.29 -5.74 14.85
C ILE A 64 7.29 -4.29 14.33
N LEU A 65 6.99 -3.34 15.22
CA LEU A 65 7.03 -1.91 14.87
C LEU A 65 7.94 -1.20 15.84
N PRO A 66 9.27 -1.29 15.62
CA PRO A 66 10.25 -0.65 16.51
C PRO A 66 10.41 0.87 16.35
N SER A 67 9.86 1.43 15.28
CA SER A 67 10.01 2.85 15.05
C SER A 67 8.78 3.45 14.41
N ARG A 68 8.68 4.76 14.44
CA ARG A 68 7.57 5.40 13.78
C ARG A 68 7.73 5.14 12.28
N TYR A 69 8.98 5.09 11.81
CA TYR A 69 9.26 4.81 10.39
C TYR A 69 8.55 3.48 10.01
N ALA A 70 8.76 2.44 10.81
CA ALA A 70 8.11 1.13 10.57
C ALA A 70 6.58 1.24 10.64
N LEU A 71 6.06 2.01 11.61
CA LEU A 71 4.62 2.20 11.74
C LEU A 71 4.09 2.88 10.49
N ASP A 72 4.76 3.93 10.04
CA ASP A 72 4.33 4.64 8.83
C ASP A 72 4.36 3.77 7.58
N ILE A 73 5.32 2.87 7.50
CA ILE A 73 5.40 1.96 6.37
C ILE A 73 4.23 0.96 6.43
N MSE A 74 3.97 0.39 7.61
CA MSE A 74 2.90 -0.58 7.69
C MSE A 74 1.54 0.03 7.36
O MSE A 74 0.74 -0.60 6.62
CB MSE A 74 2.83 -1.26 9.07
CG MSE A 74 1.62 -2.21 9.17
SE MSE A 74 1.56 -3.16 10.90
CE MSE A 74 3.08 -4.32 10.60
N THR A 75 1.25 1.20 7.90
CA THR A 75 -0.03 1.83 7.61
C THR A 75 -0.06 2.30 6.14
N ALA A 76 1.09 2.71 5.58
CA ALA A 76 1.15 3.14 4.19
C ALA A 76 0.69 1.98 3.28
N ARG A 77 1.20 0.77 3.54
CA ARG A 77 0.82 -0.39 2.74
C ARG A 77 -0.71 -0.65 2.81
N LEU A 78 -1.29 -0.52 4.01
CA LEU A 78 -2.72 -0.74 4.25
C LEU A 78 -3.56 0.39 3.68
N GLU A 79 -3.05 1.62 3.77
CA GLU A 79 -3.79 2.72 3.17
C GLU A 79 -3.78 2.61 1.65
N GLY A 80 -2.62 2.33 1.06
CA GLY A 80 -2.54 2.19 -0.39
C GLY A 80 -3.49 1.09 -0.89
N ALA A 81 -3.59 0.00 -0.14
CA ALA A 81 -4.45 -1.09 -0.52
C ALA A 81 -5.90 -0.80 -0.18
N GLY A 82 -6.17 0.34 0.42
CA GLY A 82 -7.54 0.72 0.76
C GLY A 82 -8.21 -0.16 1.82
N LEU A 83 -7.40 -0.76 2.67
CA LEU A 83 -7.92 -1.66 3.70
C LEU A 83 -8.23 -0.96 5.05
N ILE A 84 -7.57 0.17 5.32
CA ILE A 84 -7.83 0.95 6.53
C ILE A 84 -7.87 2.39 6.07
N SER A 85 -8.57 3.24 6.81
CA SER A 85 -8.64 4.66 6.45
C SER A 85 -8.66 5.42 7.76
N PHE A 86 -8.49 6.73 7.69
CA PHE A 86 -8.47 7.48 8.93
C PHE A 86 -9.27 8.76 8.83
N LYS A 87 -9.62 9.31 9.99
CA LYS A 87 -10.32 10.58 10.10
C LYS A 87 -9.41 11.44 11.02
N ALA A 88 -9.48 12.75 10.87
CA ALA A 88 -8.65 13.61 11.66
C ALA A 88 -9.37 14.23 12.85
N ILE A 89 -8.64 14.40 13.94
CA ILE A 89 -9.16 15.09 15.11
C ILE A 89 -7.96 15.99 15.37
N GLY A 90 -7.93 17.12 14.66
CA GLY A 90 -6.79 18.00 14.81
C GLY A 90 -5.62 17.24 14.22
N ARG A 91 -4.50 17.16 14.95
CA ARG A 91 -3.35 16.45 14.40
C ARG A 91 -3.39 14.93 14.65
N VAL A 92 -4.43 14.47 15.35
CA VAL A 92 -4.59 13.05 15.64
C VAL A 92 -5.21 12.37 14.43
N ARG A 93 -4.89 11.09 14.22
CA ARG A 93 -5.48 10.32 13.13
C ARG A 93 -6.18 9.13 13.74
N ILE A 94 -7.49 8.99 13.48
CA ILE A 94 -8.26 7.85 14.01
C ILE A 94 -8.47 6.87 12.85
N TYR A 95 -7.93 5.68 13.00
CA TYR A 95 -8.02 4.67 11.95
C TYR A 95 -9.10 3.61 12.20
N ASP A 96 -9.59 3.03 11.11
CA ASP A 96 -10.55 1.92 11.19
C ASP A 96 -10.46 1.12 9.90
N VAL A 97 -10.94 -0.11 9.94
CA VAL A 97 -10.98 -0.98 8.74
C VAL A 97 -12.07 -0.46 7.82
N THR A 98 -11.83 -0.57 6.51
CA THR A 98 -12.77 -0.13 5.49
C THR A 98 -13.63 -1.31 5.02
N ASP A 99 -14.55 -1.04 4.09
CA ASP A 99 -15.37 -2.14 3.57
C ASP A 99 -14.47 -3.16 2.87
N LEU A 100 -13.55 -2.70 2.02
CA LEU A 100 -12.65 -3.63 1.34
C LEU A 100 -11.80 -4.37 2.34
N GLY A 101 -11.42 -3.69 3.43
CA GLY A 101 -10.60 -4.32 4.46
C GLY A 101 -11.39 -5.45 5.12
N ASN A 102 -12.68 -5.21 5.30
CA ASN A 102 -13.57 -6.24 5.89
C ASN A 102 -13.76 -7.34 4.84
N VAL A 103 -14.03 -6.95 3.60
CA VAL A 103 -14.18 -7.92 2.52
C VAL A 103 -12.98 -8.82 2.54
N LEU A 104 -11.83 -8.26 2.86
CA LEU A 104 -10.60 -9.03 2.88
C LEU A 104 -10.36 -9.87 4.12
N ILE A 105 -10.78 -9.37 5.29
CA ILE A 105 -10.58 -10.16 6.48
C ILE A 105 -11.34 -11.48 6.34
N LYS A 106 -12.55 -11.42 5.80
CA LYS A 106 -13.37 -12.61 5.61
C LYS A 106 -12.63 -13.55 4.67
N GLU A 107 -12.45 -13.07 3.44
CA GLU A 107 -11.75 -13.82 2.41
C GLU A 107 -10.47 -14.47 2.94
N LEU A 108 -9.88 -13.90 3.98
CA LEU A 108 -8.67 -14.46 4.56
C LEU A 108 -8.95 -15.73 5.36
N GLU A 109 -9.60 -15.57 6.51
CA GLU A 109 -9.92 -16.70 7.38
C GLU A 109 -10.44 -17.92 6.62
N LYS A 110 -11.53 -17.70 5.88
CA LYS A 110 -12.17 -18.73 5.08
C LYS A 110 -11.16 -19.55 4.28
N ARG A 111 -10.19 -18.86 3.69
CA ARG A 111 -9.16 -19.50 2.88
C ARG A 111 -7.88 -19.67 3.70
N ILE B 1 -18.49 -8.49 2.35
CA ILE B 1 -18.04 -8.91 0.98
C ILE B 1 -18.92 -8.31 -0.12
N SER B 2 -18.82 -8.86 -1.33
CA SER B 2 -19.59 -8.41 -2.48
C SER B 2 -19.07 -7.11 -3.08
N MSE B 3 -17.81 -7.12 -3.48
CA MSE B 3 -17.29 -5.92 -4.11
C MSE B 3 -16.85 -6.30 -5.53
O MSE B 3 -16.11 -7.27 -5.71
CB MSE B 3 -16.14 -5.34 -3.29
CG MSE B 3 -16.66 -4.51 -2.14
SE MSE B 3 -15.29 -3.44 -1.23
CE MSE B 3 -14.96 -2.15 -2.58
N SER B 4 -17.34 -5.53 -6.50
CA SER B 4 -17.03 -5.75 -7.91
C SER B 4 -15.60 -5.34 -8.27
N SER B 5 -15.11 -5.80 -9.42
CA SER B 5 -13.77 -5.40 -9.82
C SER B 5 -13.71 -3.87 -9.86
N SER B 6 -14.77 -3.29 -10.39
CA SER B 6 -14.84 -1.86 -10.51
C SER B 6 -14.80 -1.14 -9.14
N GLU B 7 -15.53 -1.69 -8.17
CA GLU B 7 -15.54 -1.05 -6.85
C GLU B 7 -14.17 -1.13 -6.22
N ILE B 8 -13.51 -2.27 -6.37
CA ILE B 8 -12.19 -2.41 -5.79
C ILE B 8 -11.21 -1.48 -6.46
N ILE B 9 -11.21 -1.45 -7.81
CA ILE B 9 -10.30 -0.58 -8.53
C ILE B 9 -10.52 0.90 -8.15
N ASP B 10 -11.78 1.29 -7.91
CA ASP B 10 -12.06 2.66 -7.54
C ASP B 10 -11.31 2.96 -6.25
N VAL B 11 -11.36 2.02 -5.32
CA VAL B 11 -10.71 2.22 -4.03
C VAL B 11 -9.19 2.30 -4.24
N LEU B 12 -8.63 1.47 -5.11
CA LEU B 12 -7.18 1.55 -5.31
C LEU B 12 -6.80 2.89 -5.97
N CYS B 13 -7.63 3.32 -6.92
CA CYS B 13 -7.37 4.59 -7.58
C CYS B 13 -7.44 5.73 -6.63
N GLU B 14 -8.41 5.73 -5.71
CA GLU B 14 -8.54 6.85 -4.79
C GLU B 14 -7.34 6.95 -3.84
N ASN B 15 -6.70 5.83 -3.54
CA ASN B 15 -5.55 5.88 -2.64
C ASN B 15 -4.17 5.93 -3.35
N LEU B 16 -4.14 5.93 -4.69
CA LEU B 16 -2.84 5.91 -5.37
C LEU B 16 -2.01 7.21 -5.22
N ASN B 17 -2.68 8.33 -5.37
CA ASN B 17 -2.07 9.67 -5.31
C ASN B 17 -0.79 9.78 -6.12
N ASP B 18 0.27 10.24 -5.49
CA ASP B 18 1.54 10.44 -6.20
C ASP B 18 2.26 9.17 -6.65
N GLY B 19 1.77 7.99 -6.25
CA GLY B 19 2.41 6.75 -6.65
C GLY B 19 2.33 6.52 -8.15
N ILE B 20 1.44 7.26 -8.82
CA ILE B 20 1.31 7.10 -10.25
C ILE B 20 2.66 7.28 -10.94
N TRP B 21 3.51 8.15 -10.39
CA TRP B 21 4.82 8.37 -11.03
C TRP B 21 5.66 7.11 -11.14
N ALA B 22 5.64 6.27 -10.10
CA ALA B 22 6.41 5.04 -10.13
C ALA B 22 5.84 4.08 -11.19
N LEU B 23 4.52 4.03 -11.33
CA LEU B 23 3.92 3.16 -12.33
C LEU B 23 4.34 3.63 -13.73
N ARG B 24 4.32 4.94 -13.94
CA ARG B 24 4.70 5.49 -15.25
C ARG B 24 6.16 5.21 -15.57
N VAL B 25 7.03 5.40 -14.57
CA VAL B 25 8.44 5.15 -14.76
C VAL B 25 8.68 3.67 -15.11
N LEU B 26 8.14 2.78 -14.29
CA LEU B 26 8.34 1.37 -14.53
C LEU B 26 7.76 0.90 -15.87
N TYR B 27 6.60 1.41 -16.23
CA TYR B 27 6.01 1.01 -17.49
C TYR B 27 6.92 1.45 -18.64
N ALA B 28 7.36 2.72 -18.62
CA ALA B 28 8.19 3.27 -19.71
C ALA B 28 9.60 2.77 -19.81
N GLU B 29 10.29 2.68 -18.66
CA GLU B 29 11.70 2.30 -18.62
C GLU B 29 11.98 0.83 -18.41
N GLY B 30 10.98 0.10 -17.90
CA GLY B 30 11.18 -1.33 -17.66
C GLY B 30 11.70 -1.57 -16.25
N ALA B 31 11.86 -2.83 -15.88
CA ALA B 31 12.32 -3.15 -14.54
C ALA B 31 13.65 -2.50 -14.20
N MSE B 32 13.79 -2.06 -12.95
CA MSE B 32 15.05 -1.45 -12.52
C MSE B 32 15.16 -1.54 -11.00
O MSE B 32 14.13 -1.76 -10.31
CB MSE B 32 15.10 0.02 -12.93
CG MSE B 32 13.99 0.82 -12.33
SE MSE B 32 14.15 2.72 -12.72
CE MSE B 32 13.54 2.65 -14.57
N ASN B 33 16.39 -1.36 -10.49
CA ASN B 33 16.59 -1.46 -9.05
C ASN B 33 15.98 -0.25 -8.33
N LYS B 34 15.78 -0.39 -7.01
CA LYS B 34 15.11 0.68 -6.27
C LYS B 34 15.79 2.04 -6.26
N GLU B 35 17.12 2.08 -6.30
CA GLU B 35 17.83 3.36 -6.29
C GLU B 35 17.58 4.12 -7.57
N LYS B 36 17.57 3.40 -8.68
CA LYS B 36 17.32 4.03 -9.98
C LYS B 36 15.86 4.53 -10.07
N LEU B 37 14.93 3.72 -9.55
CA LEU B 37 13.51 4.08 -9.51
C LEU B 37 13.37 5.42 -8.76
N TRP B 38 14.03 5.53 -7.63
CA TRP B 38 13.99 6.77 -6.86
C TRP B 38 14.41 7.96 -7.76
N ASP B 39 15.58 7.85 -8.40
CA ASP B 39 16.08 8.90 -9.29
C ASP B 39 15.10 9.19 -10.42
N TYR B 40 14.63 8.12 -11.09
CA TYR B 40 13.69 8.30 -12.20
C TYR B 40 12.38 8.93 -11.83
N ILE B 41 11.85 8.58 -10.66
CA ILE B 41 10.59 9.12 -10.21
C ILE B 41 10.77 10.62 -10.02
N ASN B 42 11.90 10.99 -9.44
CA ASN B 42 12.18 12.41 -9.21
C ASN B 42 12.35 13.07 -10.57
N GLN B 43 13.12 12.44 -11.45
CA GLN B 43 13.40 13.01 -12.77
C GLN B 43 12.14 13.17 -13.59
N TYR B 44 11.26 12.17 -13.58
CA TYR B 44 10.01 12.21 -14.32
C TYR B 44 9.11 13.31 -13.83
N HIS B 45 8.91 13.37 -12.52
CA HIS B 45 8.06 14.36 -11.87
C HIS B 45 8.63 15.76 -12.07
N LYS B 46 9.95 15.88 -11.95
CA LYS B 46 10.64 17.15 -12.14
C LYS B 46 10.33 17.71 -13.53
N ASP B 47 10.54 16.89 -14.56
CA ASP B 47 10.28 17.31 -15.93
C ASP B 47 8.83 17.71 -16.09
N TYR B 48 7.91 16.85 -15.66
CA TYR B 48 6.50 17.19 -15.77
C TYR B 48 6.28 18.59 -15.20
N GLN B 49 6.87 18.84 -14.03
CA GLN B 49 6.70 20.13 -13.35
C GLN B 49 7.40 21.28 -14.05
N ILE B 50 8.64 21.05 -14.47
CA ILE B 50 9.42 22.06 -15.16
C ILE B 50 8.59 22.73 -16.25
N GLU B 51 7.79 21.95 -16.94
CA GLU B 51 6.97 22.52 -17.99
C GLU B 51 5.51 22.58 -17.56
N ASN B 52 5.32 23.05 -16.33
CA ASN B 52 4.00 23.20 -15.73
C ASN B 52 4.09 23.93 -14.39
N GLU B 57 9.02 26.08 -9.49
CA GLU B 57 9.23 24.65 -9.15
C GLU B 57 10.57 24.41 -8.45
N GLY B 58 10.93 23.14 -8.33
CA GLY B 58 12.18 22.77 -7.71
C GLY B 58 12.17 21.50 -6.85
N LYS B 59 11.31 21.49 -5.84
CA LYS B 59 11.20 20.37 -4.89
C LYS B 59 11.02 18.95 -5.44
N LYS B 60 11.87 18.04 -4.97
CA LYS B 60 11.84 16.63 -5.36
C LYS B 60 10.60 15.96 -4.75
N ILE B 61 9.88 15.20 -5.57
CA ILE B 61 8.70 14.51 -5.09
C ILE B 61 9.11 13.51 -4.02
N LEU B 62 10.33 12.99 -4.12
CA LEU B 62 10.87 12.03 -3.13
C LEU B 62 12.19 12.63 -2.60
N PRO B 63 12.09 13.49 -1.56
CA PRO B 63 13.31 14.11 -1.01
C PRO B 63 14.19 13.30 -0.11
N SER B 64 13.75 12.11 0.28
CA SER B 64 14.52 11.28 1.21
C SER B 64 14.18 9.84 0.91
N ARG B 65 14.96 8.93 1.49
CA ARG B 65 14.71 7.52 1.35
C ARG B 65 13.38 7.21 2.05
N TYR B 66 13.06 7.95 3.10
CA TYR B 66 11.79 7.76 3.80
C TYR B 66 10.64 7.95 2.82
N ALA B 67 10.63 9.07 2.10
CA ALA B 67 9.55 9.31 1.15
C ALA B 67 9.49 8.21 0.14
N LEU B 68 10.67 7.74 -0.29
CA LEU B 68 10.74 6.67 -1.30
C LEU B 68 10.12 5.39 -0.74
N ASP B 69 10.44 5.05 0.50
CA ASP B 69 9.89 3.82 1.09
C ASP B 69 8.38 3.91 1.37
N ILE B 70 7.89 5.09 1.71
CA ILE B 70 6.46 5.26 1.99
C ILE B 70 5.71 5.08 0.67
N MSE B 71 6.22 5.70 -0.39
CA MSE B 71 5.55 5.64 -1.68
C MSE B 71 5.55 4.22 -2.21
O MSE B 71 4.54 3.74 -2.66
CB MSE B 71 6.20 6.57 -2.73
CG MSE B 71 5.62 6.35 -4.12
SE MSE B 71 6.40 7.51 -5.50
CE MSE B 71 5.51 9.17 -5.05
N THR B 72 6.70 3.57 -2.18
CA THR B 72 6.74 2.20 -2.67
C THR B 72 5.93 1.26 -1.78
N ALA B 73 5.87 1.55 -0.46
CA ALA B 73 5.08 0.70 0.45
C ALA B 73 3.58 0.73 0.03
N ARG B 74 3.05 1.94 -0.16
CA ARG B 74 1.65 2.09 -0.56
C ARG B 74 1.41 1.31 -1.88
N LEU B 75 2.37 1.36 -2.79
CA LEU B 75 2.23 0.67 -4.07
C LEU B 75 2.36 -0.84 -3.93
N GLU B 76 3.31 -1.29 -3.13
CA GLU B 76 3.45 -2.72 -2.95
C GLU B 76 2.20 -3.31 -2.26
N GLY B 77 1.69 -2.60 -1.26
CA GLY B 77 0.52 -3.08 -0.55
C GLY B 77 -0.71 -3.21 -1.45
N ALA B 78 -0.83 -2.27 -2.39
CA ALA B 78 -1.93 -2.27 -3.29
C ALA B 78 -1.64 -3.24 -4.42
N GLY B 79 -0.48 -3.87 -4.38
CA GLY B 79 -0.13 -4.85 -5.39
C GLY B 79 0.10 -4.29 -6.79
N LEU B 80 0.48 -3.01 -6.85
CA LEU B 80 0.68 -2.32 -8.13
C LEU B 80 2.12 -2.44 -8.68
N ILE B 81 3.11 -2.62 -7.80
CA ILE B 81 4.48 -2.85 -8.24
C ILE B 81 4.90 -4.07 -7.48
N SER B 82 5.89 -4.77 -8.01
CA SER B 82 6.40 -6.00 -7.39
C SER B 82 7.91 -5.98 -7.55
N PHE B 83 8.62 -6.71 -6.68
CA PHE B 83 10.07 -6.70 -6.76
C PHE B 83 10.71 -8.07 -6.51
N LYS B 84 11.96 -8.21 -6.93
CA LYS B 84 12.72 -9.44 -6.72
C LYS B 84 13.92 -8.95 -5.92
N ALA B 85 14.16 -9.58 -4.78
CA ALA B 85 15.27 -9.25 -3.92
C ALA B 85 16.50 -10.02 -4.41
N ILE B 86 17.62 -9.33 -4.53
CA ILE B 86 18.85 -9.99 -4.93
C ILE B 86 19.84 -9.41 -3.94
N GLY B 87 20.13 -10.17 -2.89
CA GLY B 87 21.00 -9.68 -1.86
C GLY B 87 20.19 -8.58 -1.20
N ARG B 88 20.75 -7.38 -1.11
CA ARG B 88 20.02 -6.27 -0.51
C ARG B 88 19.48 -5.38 -1.63
N VAL B 89 19.67 -5.82 -2.86
CA VAL B 89 19.21 -5.05 -3.98
C VAL B 89 17.79 -5.51 -4.29
N ARG B 90 16.97 -4.62 -4.85
CA ARG B 90 15.63 -4.99 -5.23
C ARG B 90 15.37 -4.49 -6.65
N ILE B 91 14.86 -5.37 -7.50
CA ILE B 91 14.50 -4.96 -8.87
C ILE B 91 12.98 -4.86 -8.85
N TYR B 92 12.45 -3.71 -9.22
CA TYR B 92 11.01 -3.46 -9.28
C TYR B 92 10.45 -3.39 -10.69
N ASP B 93 9.16 -3.70 -10.80
CA ASP B 93 8.49 -3.56 -12.08
C ASP B 93 7.01 -3.36 -11.75
N VAL B 94 6.23 -2.90 -12.71
CA VAL B 94 4.81 -2.65 -12.49
C VAL B 94 4.11 -3.97 -12.85
N THR B 95 3.06 -4.28 -12.08
CA THR B 95 2.32 -5.53 -12.19
C THR B 95 1.08 -5.44 -13.08
N ASP B 96 0.42 -6.58 -13.22
CA ASP B 96 -0.84 -6.64 -13.95
C ASP B 96 -1.83 -5.66 -13.30
N LEU B 97 -1.97 -5.69 -11.98
CA LEU B 97 -2.91 -4.80 -11.32
C LEU B 97 -2.42 -3.35 -11.47
N GLY B 98 -1.10 -3.15 -11.44
CA GLY B 98 -0.56 -1.82 -11.63
C GLY B 98 -0.92 -1.29 -13.02
N ASN B 99 -0.91 -2.16 -14.04
CA ASN B 99 -1.29 -1.75 -15.38
C ASN B 99 -2.83 -1.52 -15.46
N VAL B 100 -3.59 -2.27 -14.66
CA VAL B 100 -5.05 -2.05 -14.64
C VAL B 100 -5.31 -0.62 -14.16
N LEU B 101 -4.55 -0.17 -13.16
CA LEU B 101 -4.71 1.20 -12.69
C LEU B 101 -4.21 2.23 -13.73
N ILE B 102 -3.09 1.95 -14.40
CA ILE B 102 -2.59 2.85 -15.43
C ILE B 102 -3.74 3.02 -16.47
N LYS B 103 -4.32 1.91 -16.89
CA LYS B 103 -5.42 1.95 -17.86
C LYS B 103 -6.69 2.65 -17.35
N GLU B 104 -7.01 2.42 -16.09
CA GLU B 104 -8.17 3.04 -15.48
C GLU B 104 -7.96 4.55 -15.39
N LEU B 105 -6.75 5.00 -15.08
CA LEU B 105 -6.50 6.43 -14.98
C LEU B 105 -6.55 7.09 -16.35
N GLU B 106 -6.06 6.39 -17.37
CA GLU B 106 -6.11 6.94 -18.71
C GLU B 106 -7.58 6.99 -19.10
N LYS B 107 -8.38 6.04 -18.67
CA LYS B 107 -9.80 6.11 -19.02
C LYS B 107 -10.41 7.37 -18.41
N ARG B 108 -10.04 7.68 -17.16
CA ARG B 108 -10.54 8.87 -16.49
C ARG B 108 -10.07 10.17 -17.10
N VAL B 109 -8.83 10.19 -17.59
CA VAL B 109 -8.29 11.39 -18.22
C VAL B 109 -9.15 11.66 -19.44
N GLU B 110 -9.53 10.57 -20.07
CA GLU B 110 -10.31 10.60 -21.28
C GLU B 110 -11.70 11.17 -21.03
N LYS B 111 -12.32 10.75 -19.93
CA LYS B 111 -13.66 11.23 -19.58
C LYS B 111 -13.71 12.64 -19.01
N ASN B 112 -12.66 13.02 -18.29
CA ASN B 112 -12.62 14.32 -17.65
C ASN B 112 -12.10 15.43 -18.54
N ASN B 113 -11.82 15.11 -19.80
CA ASN B 113 -11.29 16.13 -20.71
C ASN B 113 -12.01 16.14 -22.05
#